data_6VQ2
#
_entry.id   6VQ2
#
_cell.length_a   51.287
_cell.length_b   82.813
_cell.length_c   110.574
_cell.angle_alpha   90.000
_cell.angle_beta   90.000
_cell.angle_gamma   90.000
#
_symmetry.space_group_name_H-M   'P 21 21 21'
#
loop_
_entity.id
_entity.type
_entity.pdbx_description
1 polymer 'MHC class I antigen'
2 polymer Beta-2-microglobulin
3 polymer '14-mer peptide'
4 non-polymer GLYCEROL
5 water water
#
loop_
_entity_poly.entity_id
_entity_poly.type
_entity_poly.pdbx_seq_one_letter_code
_entity_poly.pdbx_strand_id
1 'polypeptide(L)'
;GSHSMRYFHTSVSRPGRGEPRFITVGYVDDTLFVRFDSDAASPREEPRAPWIEQEGPEYWDRETQICKAKAQTDREDLRT
LLRYYNQSEAGSHTLQNMYGCDVGPDGRLLRGYHQDAYDGKDYIALNEDLSSWTAADTAAQITQRKWEAARVAEQLRAYL
EGECVEWLRRYLENGKETLQRADPPKTHVTHHPISDHEATLRCWALGFYPAEITLTWQRDGEDQTQDTELVETRPAGDRT
FQKWAAVVVPSGEEQRYTCHVQHEGLPKPLTLRWEP
;
A
2 'polypeptide(L)'
;MIQRTPKIQVYSRHPAENGKSNFLNCYVSGFHPSDIEVDLLKNGERIEKVEHSDLSFSKDWSFYLLYYTEFTPTEKDEYA
CRVNHVTLSQPKIVKWDRDM
;
B
3 'polypeptide(L)' KRWIILGLNKIVRM C
#
# COMPACT_ATOMS: atom_id res chain seq x y z
N GLY A 1 1.17 -16.69 -13.75
CA GLY A 1 0.48 -15.46 -14.11
C GLY A 1 1.42 -14.30 -14.35
N SER A 2 0.86 -13.10 -14.38
CA SER A 2 1.64 -11.89 -14.57
C SER A 2 2.20 -11.42 -13.23
N HIS A 3 3.36 -10.75 -13.29
CA HIS A 3 4.04 -10.32 -12.07
C HIS A 3 4.56 -8.91 -12.24
N SER A 4 4.89 -8.28 -11.11
CA SER A 4 5.36 -6.91 -11.10
C SER A 4 6.45 -6.73 -10.06
N MET A 5 7.32 -5.76 -10.31
CA MET A 5 8.29 -5.28 -9.34
C MET A 5 8.16 -3.77 -9.25
N ARG A 6 8.18 -3.23 -8.03
CA ARG A 6 8.02 -1.80 -7.82
C ARG A 6 8.94 -1.32 -6.73
N TYR A 7 9.54 -0.16 -6.93
CA TYR A 7 10.27 0.55 -5.90
C TYR A 7 9.55 1.87 -5.64
N PHE A 8 9.22 2.14 -4.37
CA PHE A 8 8.51 3.34 -3.96
C PHE A 8 9.44 4.20 -3.10
N HIS A 9 9.41 5.52 -3.29
CA HIS A 9 10.25 6.44 -2.54
C HIS A 9 9.45 7.65 -2.09
N THR A 10 9.63 8.05 -0.83
CA THR A 10 9.00 9.25 -0.29
C THR A 10 10.05 10.09 0.43
N SER A 11 10.09 11.38 0.13
CA SER A 11 10.86 12.35 0.90
C SER A 11 9.93 13.43 1.41
N VAL A 12 10.03 13.73 2.70
CA VAL A 12 9.17 14.70 3.38
C VAL A 12 10.07 15.70 4.11
N SER A 13 10.03 16.96 3.69
CA SER A 13 10.82 17.98 4.36
C SER A 13 10.17 18.36 5.69
N ARG A 14 11.00 18.81 6.62
CA ARG A 14 10.55 19.17 7.96
C ARG A 14 11.40 20.34 8.45
N PRO A 15 11.12 21.55 7.97
CA PRO A 15 11.99 22.69 8.28
C PRO A 15 12.08 22.94 9.77
N GLY A 16 13.31 23.19 10.23
CA GLY A 16 13.55 23.37 11.65
C GLY A 16 13.69 22.09 12.43
N ARG A 17 13.58 20.93 11.77
CA ARG A 17 13.68 19.63 12.44
C ARG A 17 14.60 18.70 11.67
N GLY A 18 15.68 19.23 11.13
CA GLY A 18 16.64 18.43 10.41
C GLY A 18 16.33 18.31 8.94
N GLU A 19 17.07 17.40 8.30
CA GLU A 19 16.96 17.16 6.86
C GLU A 19 15.75 16.29 6.56
N PRO A 20 15.29 16.30 5.30
CA PRO A 20 14.07 15.54 4.96
C PRO A 20 14.19 14.06 5.26
N ARG A 21 13.10 13.49 5.75
CA ARG A 21 13.01 12.06 5.97
C ARG A 21 12.82 11.33 4.65
N PHE A 22 13.60 10.27 4.43
CA PHE A 22 13.54 9.49 3.20
C PHE A 22 13.22 8.04 3.54
N ILE A 23 12.14 7.53 2.94
CA ILE A 23 11.72 6.14 3.12
C ILE A 23 11.48 5.54 1.74
N THR A 24 12.10 4.39 1.48
CA THR A 24 11.85 3.67 0.25
C THR A 24 11.65 2.19 0.55
N VAL A 25 10.72 1.56 -0.17
CA VAL A 25 10.40 0.15 -0.02
C VAL A 25 10.32 -0.48 -1.41
N GLY A 26 10.66 -1.76 -1.50
CA GLY A 26 10.55 -2.52 -2.73
C GLY A 26 9.53 -3.64 -2.59
N TYR A 27 8.76 -3.86 -3.66
CA TYR A 27 7.74 -4.91 -3.70
C TYR A 27 7.94 -5.79 -4.93
N VAL A 28 7.66 -7.08 -4.77
CA VAL A 28 7.35 -7.97 -5.87
C VAL A 28 5.91 -8.40 -5.66
N ASP A 29 5.05 -8.10 -6.64
CA ASP A 29 3.60 -8.29 -6.52
C ASP A 29 3.17 -7.56 -5.24
N ASP A 30 2.46 -8.21 -4.32
CA ASP A 30 2.04 -7.57 -3.08
C ASP A 30 2.90 -8.00 -1.89
N THR A 31 4.15 -8.37 -2.16
CA THR A 31 5.08 -8.82 -1.12
C THR A 31 6.20 -7.81 -0.97
N LEU A 32 6.28 -7.19 0.19
CA LEU A 32 7.40 -6.32 0.52
C LEU A 32 8.68 -7.16 0.66
N PHE A 33 9.78 -6.71 0.05
CA PHE A 33 11.02 -7.47 0.20
C PHE A 33 12.25 -6.65 0.59
N VAL A 34 12.24 -5.32 0.48
CA VAL A 34 13.33 -4.49 1.01
C VAL A 34 12.74 -3.19 1.53
N ARG A 35 13.46 -2.57 2.48
CA ARG A 35 13.10 -1.26 3.02
C ARG A 35 14.37 -0.50 3.38
N PHE A 36 14.27 0.83 3.30
CA PHE A 36 15.33 1.73 3.76
C PHE A 36 14.67 2.95 4.40
N ASP A 37 15.15 3.36 5.57
CA ASP A 37 14.61 4.50 6.29
C ASP A 37 15.76 5.38 6.73
N SER A 38 15.75 6.65 6.29
CA SER A 38 16.84 7.56 6.62
C SER A 38 16.94 7.85 8.12
N ASP A 39 15.86 7.66 8.89
CA ASP A 39 15.89 7.95 10.32
C ASP A 39 16.31 6.76 11.17
N ALA A 40 16.61 5.61 10.57
CA ALA A 40 17.13 4.49 11.33
C ALA A 40 18.52 4.80 11.86
N ALA A 41 18.93 4.05 12.89
CA ALA A 41 20.17 4.37 13.61
C ALA A 41 21.38 4.32 12.69
N SER A 42 21.58 3.18 12.02
CA SER A 42 22.65 3.01 11.04
C SER A 42 21.98 2.63 9.72
N PRO A 43 21.46 3.61 8.97
CA PRO A 43 20.57 3.29 7.84
C PRO A 43 21.24 2.43 6.78
N ARG A 44 20.65 1.26 6.54
CA ARG A 44 21.00 0.36 5.46
C ARG A 44 19.70 -0.14 4.84
N GLU A 45 19.77 -0.61 3.61
CA GLU A 45 18.63 -1.35 3.10
C GLU A 45 18.57 -2.72 3.75
N GLU A 46 17.37 -3.13 4.16
CA GLU A 46 17.23 -4.35 4.93
C GLU A 46 16.27 -5.33 4.24
N PRO A 47 16.52 -6.63 4.35
CA PRO A 47 15.58 -7.60 3.80
C PRO A 47 14.29 -7.61 4.59
N ARG A 48 13.19 -7.88 3.86
CA ARG A 48 11.88 -8.04 4.49
C ARG A 48 11.18 -9.31 4.02
N ALA A 49 11.86 -10.16 3.27
CA ALA A 49 11.33 -11.44 2.83
C ALA A 49 12.46 -12.45 2.86
N PRO A 50 12.14 -13.74 3.08
CA PRO A 50 13.24 -14.72 3.25
C PRO A 50 14.05 -14.94 1.99
N TRP A 51 13.41 -14.91 0.82
CA TRP A 51 14.09 -15.28 -0.41
C TRP A 51 15.06 -14.22 -0.92
N ILE A 52 15.09 -13.02 -0.31
CA ILE A 52 16.09 -12.01 -0.68
C ILE A 52 17.31 -12.06 0.24
N GLU A 53 17.24 -12.78 1.35
CA GLU A 53 18.35 -12.81 2.29
C GLU A 53 19.59 -13.48 1.72
N GLN A 54 19.41 -14.37 0.74
CA GLN A 54 20.55 -15.08 0.15
C GLN A 54 21.44 -14.18 -0.69
N GLU A 55 20.97 -13.00 -1.09
CA GLU A 55 21.83 -12.11 -1.86
C GLU A 55 23.05 -11.72 -1.03
N GLY A 56 24.20 -11.66 -1.70
CA GLY A 56 25.47 -11.46 -1.04
C GLY A 56 25.65 -10.05 -0.51
N PRO A 57 26.73 -9.84 0.25
CA PRO A 57 26.96 -8.51 0.86
C PRO A 57 27.14 -7.39 -0.15
N GLU A 58 27.66 -7.65 -1.35
CA GLU A 58 27.84 -6.57 -2.30
C GLU A 58 26.54 -6.16 -2.98
N TYR A 59 25.55 -7.05 -2.99
CA TYR A 59 24.19 -6.64 -3.34
C TYR A 59 23.68 -5.62 -2.33
N TRP A 60 23.88 -5.88 -1.04
CA TRP A 60 23.38 -4.98 -0.01
C TRP A 60 24.17 -3.68 0.05
N ASP A 61 25.47 -3.72 -0.25
CA ASP A 61 26.26 -2.49 -0.28
C ASP A 61 25.79 -1.57 -1.41
N ARG A 62 25.66 -2.11 -2.62
CA ARG A 62 25.23 -1.29 -3.75
CA ARG A 62 25.24 -1.28 -3.74
C ARG A 62 23.82 -0.74 -3.52
N GLU A 63 22.91 -1.58 -3.02
CA GLU A 63 21.55 -1.13 -2.77
C GLU A 63 21.52 -0.01 -1.74
N THR A 64 22.36 -0.10 -0.71
CA THR A 64 22.40 0.94 0.31
C THR A 64 22.93 2.24 -0.26
N GLN A 65 23.97 2.18 -1.09
CA GLN A 65 24.51 3.39 -1.70
C GLN A 65 23.47 4.06 -2.59
N ILE A 66 22.67 3.27 -3.32
CA ILE A 66 21.66 3.84 -4.19
C ILE A 66 20.58 4.55 -3.39
N CYS A 67 20.13 3.94 -2.28
CA CYS A 67 19.15 4.58 -1.41
C CYS A 67 19.70 5.88 -0.83
N LYS A 68 20.95 5.88 -0.37
CA LYS A 68 21.54 7.09 0.18
C LYS A 68 21.68 8.16 -0.90
N ALA A 69 22.14 7.77 -2.09
CA ALA A 69 22.25 8.74 -3.18
C ALA A 69 20.88 9.30 -3.55
N LYS A 70 19.87 8.45 -3.61
CA LYS A 70 18.51 8.91 -3.88
C LYS A 70 18.02 9.86 -2.78
N ALA A 71 18.34 9.56 -1.52
CA ALA A 71 17.96 10.47 -0.45
C ALA A 71 18.55 11.86 -0.66
N GLN A 72 19.80 11.91 -1.16
CA GLN A 72 20.44 13.20 -1.40
C GLN A 72 19.80 13.94 -2.57
N THR A 73 19.55 13.24 -3.68
CA THR A 73 18.97 13.92 -4.84
C THR A 73 17.56 14.42 -4.55
N ASP A 74 16.79 13.69 -3.73
CA ASP A 74 15.48 14.18 -3.33
C ASP A 74 15.58 15.49 -2.54
N ARG A 75 16.60 15.60 -1.68
CA ARG A 75 16.77 16.83 -0.91
C ARG A 75 17.05 18.01 -1.83
N GLU A 76 17.92 17.82 -2.82
CA GLU A 76 18.18 18.87 -3.80
C GLU A 76 16.92 19.16 -4.61
N ASP A 77 16.19 18.12 -5.02
CA ASP A 77 15.00 18.34 -5.82
C ASP A 77 13.91 19.06 -5.04
N LEU A 78 13.80 18.81 -3.73
CA LEU A 78 12.82 19.53 -2.92
C LEU A 78 13.14 21.03 -2.88
N ARG A 79 14.41 21.39 -2.71
CA ARG A 79 14.80 22.81 -2.76
C ARG A 79 14.52 23.40 -4.14
N THR A 80 14.88 22.66 -5.20
CA THR A 80 14.56 23.08 -6.55
C THR A 80 13.08 23.37 -6.72
N LEU A 81 12.23 22.44 -6.29
CA LEU A 81 10.80 22.59 -6.52
C LEU A 81 10.20 23.76 -5.74
N LEU A 82 10.83 24.17 -4.64
CA LEU A 82 10.40 25.38 -3.95
C LEU A 82 10.55 26.60 -4.85
N ARG A 83 11.66 26.65 -5.60
CA ARG A 83 11.85 27.73 -6.56
C ARG A 83 10.83 27.65 -7.68
N TYR A 84 10.68 26.47 -8.30
CA TYR A 84 9.77 26.32 -9.44
C TYR A 84 8.35 26.75 -9.10
N TYR A 85 7.94 26.63 -7.84
CA TYR A 85 6.57 26.95 -7.45
C TYR A 85 6.47 28.21 -6.60
N ASN A 86 7.54 28.99 -6.48
CA ASN A 86 7.53 30.25 -5.73
C ASN A 86 7.01 30.02 -4.30
N GLN A 87 7.60 29.06 -3.60
CA GLN A 87 7.10 28.68 -2.29
C GLN A 87 8.10 29.05 -1.19
N SER A 88 7.55 29.21 0.02
CA SER A 88 8.37 29.55 1.17
C SER A 88 9.14 28.34 1.67
N GLU A 89 10.32 28.60 2.23
CA GLU A 89 11.15 27.55 2.80
C GLU A 89 10.66 27.09 4.18
N ALA A 90 9.52 27.60 4.64
CA ALA A 90 9.04 27.32 6.00
C ALA A 90 8.09 26.13 6.08
N GLY A 91 7.52 25.69 4.95
CA GLY A 91 6.55 24.62 4.95
C GLY A 91 7.15 23.25 4.66
N SER A 92 6.39 22.22 5.01
CA SER A 92 6.77 20.83 4.72
C SER A 92 6.19 20.41 3.36
N HIS A 93 7.01 19.79 2.53
CA HIS A 93 6.57 19.35 1.21
C HIS A 93 7.00 17.90 0.96
N THR A 94 6.33 17.27 -0.01
CA THR A 94 6.48 15.85 -0.27
C THR A 94 6.89 15.58 -1.71
N LEU A 95 7.87 14.71 -1.88
CA LEU A 95 8.29 14.21 -3.17
CA LEU A 95 8.28 14.20 -3.18
C LEU A 95 8.13 12.69 -3.18
N GLN A 96 7.40 12.16 -4.15
CA GLN A 96 7.18 10.72 -4.28
C GLN A 96 7.66 10.26 -5.64
N ASN A 97 8.25 9.06 -5.67
CA ASN A 97 8.71 8.46 -6.91
C ASN A 97 8.43 6.96 -6.88
N MET A 98 7.94 6.46 -8.00
CA MET A 98 7.69 5.04 -8.22
C MET A 98 8.27 4.65 -9.57
N TYR A 99 8.95 3.50 -9.63
CA TYR A 99 9.32 2.93 -10.91
C TYR A 99 9.30 1.41 -10.80
N GLY A 100 9.24 0.73 -11.94
CA GLY A 100 9.19 -0.71 -11.96
C GLY A 100 8.69 -1.25 -13.29
N CYS A 101 8.46 -2.56 -13.30
CA CYS A 101 8.13 -3.27 -14.54
C CYS A 101 7.06 -4.32 -14.25
N ASP A 102 6.27 -4.60 -15.28
CA ASP A 102 5.33 -5.72 -15.31
C ASP A 102 5.82 -6.74 -16.33
N VAL A 103 5.70 -8.03 -15.99
CA VAL A 103 6.04 -9.11 -16.91
C VAL A 103 4.87 -10.08 -16.98
N GLY A 104 4.72 -10.72 -18.14
CA GLY A 104 3.67 -11.68 -18.35
C GLY A 104 4.10 -13.08 -17.94
N PRO A 105 3.22 -14.07 -18.14
CA PRO A 105 3.53 -15.43 -17.68
C PRO A 105 4.81 -16.01 -18.26
N ASP A 106 5.18 -15.63 -19.47
CA ASP A 106 6.42 -16.07 -20.08
C ASP A 106 7.62 -15.22 -19.66
N GLY A 107 7.41 -14.24 -18.79
CA GLY A 107 8.52 -13.47 -18.24
C GLY A 107 9.04 -12.35 -19.11
N ARG A 108 8.30 -11.91 -20.11
CA ARG A 108 8.71 -10.79 -20.93
C ARG A 108 8.00 -9.51 -20.49
N LEU A 109 8.65 -8.38 -20.73
CA LEU A 109 8.16 -7.09 -20.27
C LEU A 109 6.79 -6.78 -20.88
N LEU A 110 5.80 -6.56 -20.01
CA LEU A 110 4.51 -6.05 -20.46
C LEU A 110 4.50 -4.53 -20.53
N ARG A 111 5.06 -3.86 -19.52
CA ARG A 111 5.28 -2.41 -19.58
C ARG A 111 6.11 -1.98 -18.37
N GLY A 112 6.79 -0.85 -18.55
CA GLY A 112 7.59 -0.24 -17.49
C GLY A 112 6.97 1.06 -17.03
N TYR A 113 7.46 1.54 -15.88
CA TYR A 113 6.92 2.71 -15.21
C TYR A 113 8.05 3.53 -14.59
N HIS A 114 7.84 4.86 -14.56
CA HIS A 114 8.67 5.76 -13.80
C HIS A 114 7.91 7.08 -13.69
N GLN A 115 7.43 7.42 -12.50
CA GLN A 115 6.65 8.63 -12.32
C GLN A 115 6.94 9.26 -10.96
N ASP A 116 6.70 10.58 -10.90
CA ASP A 116 6.96 11.41 -9.75
C ASP A 116 5.74 12.25 -9.43
N ALA A 117 5.58 12.58 -8.15
CA ALA A 117 4.54 13.47 -7.68
C ALA A 117 5.12 14.45 -6.67
N TYR A 118 4.63 15.69 -6.72
CA TYR A 118 5.02 16.73 -5.79
C TYR A 118 3.78 17.13 -4.99
N ASP A 119 3.89 17.08 -3.67
CA ASP A 119 2.79 17.36 -2.75
C ASP A 119 1.53 16.58 -3.11
N GLY A 120 1.71 15.31 -3.47
CA GLY A 120 0.58 14.45 -3.77
C GLY A 120 -0.05 14.64 -5.12
N LYS A 121 0.50 15.51 -5.97
CA LYS A 121 -0.03 15.72 -7.32
C LYS A 121 0.99 15.26 -8.35
N ASP A 122 0.48 14.64 -9.41
CA ASP A 122 1.33 14.24 -10.54
C ASP A 122 2.24 15.39 -10.98
N TYR A 123 3.50 15.05 -11.24
CA TYR A 123 4.48 16.04 -11.66
C TYR A 123 5.04 15.71 -13.03
N ILE A 124 5.76 14.58 -13.17
CA ILE A 124 6.24 14.13 -14.48
C ILE A 124 6.24 12.61 -14.49
N ALA A 125 5.91 12.05 -15.65
CA ALA A 125 5.75 10.60 -15.80
C ALA A 125 6.36 10.15 -17.11
N LEU A 126 7.15 9.09 -17.06
CA LEU A 126 7.62 8.46 -18.29
C LEU A 126 6.45 7.78 -19.01
N ASN A 127 6.31 8.05 -20.29
CA ASN A 127 5.23 7.45 -21.06
C ASN A 127 5.50 5.96 -21.31
N GLU A 128 4.43 5.24 -21.68
CA GLU A 128 4.52 3.80 -21.89
C GLU A 128 5.53 3.45 -22.99
N ASP A 129 5.77 4.37 -23.93
CA ASP A 129 6.77 4.13 -24.96
C ASP A 129 8.19 4.08 -24.40
N LEU A 130 8.38 4.48 -23.15
CA LEU A 130 9.69 4.51 -22.50
C LEU A 130 10.66 5.44 -23.22
N SER A 131 10.13 6.45 -23.92
CA SER A 131 11.02 7.40 -24.58
C SER A 131 10.57 8.85 -24.49
N SER A 132 9.33 9.16 -24.11
CA SER A 132 8.86 10.53 -23.96
C SER A 132 8.22 10.69 -22.58
N TRP A 133 7.98 11.95 -22.20
CA TRP A 133 7.49 12.30 -20.88
C TRP A 133 6.16 13.04 -20.98
N THR A 134 5.37 12.93 -19.91
CA THR A 134 4.19 13.76 -19.71
C THR A 134 4.44 14.62 -18.48
N ALA A 135 4.52 15.92 -18.68
CA ALA A 135 4.69 16.90 -17.62
C ALA A 135 3.33 17.51 -17.27
N ALA A 136 3.06 17.63 -15.97
CA ALA A 136 1.75 18.06 -15.51
C ALA A 136 1.53 19.57 -15.60
N ASP A 137 2.59 20.37 -15.56
CA ASP A 137 2.45 21.82 -15.55
C ASP A 137 3.74 22.43 -16.10
N THR A 138 3.82 23.77 -16.07
CA THR A 138 4.97 24.45 -16.65
C THR A 138 6.23 24.28 -15.81
N ALA A 139 6.08 24.06 -14.49
CA ALA A 139 7.26 23.73 -13.69
C ALA A 139 7.82 22.38 -14.11
N ALA A 140 6.96 21.39 -14.30
CA ALA A 140 7.41 20.08 -14.74
C ALA A 140 7.95 20.10 -16.16
N GLN A 141 7.53 21.07 -16.98
CA GLN A 141 8.13 21.22 -18.30
C GLN A 141 9.59 21.61 -18.21
N ILE A 142 9.97 22.38 -17.19
CA ILE A 142 11.39 22.66 -16.96
C ILE A 142 12.15 21.36 -16.75
N THR A 143 11.67 20.52 -15.83
CA THR A 143 12.33 19.23 -15.60
C THR A 143 12.34 18.37 -16.86
N GLN A 144 11.23 18.37 -17.61
CA GLN A 144 11.14 17.55 -18.81
C GLN A 144 12.25 17.91 -19.81
N ARG A 145 12.53 19.20 -19.97
CA ARG A 145 13.57 19.60 -20.92
C ARG A 145 14.96 19.32 -20.39
N LYS A 146 15.18 19.44 -19.07
CA LYS A 146 16.43 18.95 -18.49
C LYS A 146 16.61 17.46 -18.74
N TRP A 147 15.53 16.68 -18.57
CA TRP A 147 15.65 15.23 -18.70
C TRP A 147 15.78 14.79 -20.14
N GLU A 148 15.14 15.50 -21.07
CA GLU A 148 15.35 15.21 -22.48
C GLU A 148 16.78 15.51 -22.90
N ALA A 149 17.35 16.58 -22.35
CA ALA A 149 18.73 16.95 -22.70
C ALA A 149 19.73 15.95 -22.16
N ALA A 150 19.47 15.37 -20.99
CA ALA A 150 20.36 14.36 -20.42
C ALA A 150 20.06 12.95 -20.92
N ARG A 151 19.01 12.79 -21.72
CA ARG A 151 18.59 11.49 -22.23
C ARG A 151 18.35 10.49 -21.10
N VAL A 152 17.55 10.91 -20.13
CA VAL A 152 17.23 10.05 -18.99
C VAL A 152 16.40 8.86 -19.43
N ALA A 153 15.44 9.09 -20.34
CA ALA A 153 14.53 8.03 -20.75
C ALA A 153 15.28 6.88 -21.42
N GLU A 154 16.34 7.18 -22.16
CA GLU A 154 17.11 6.11 -22.80
C GLU A 154 17.72 5.19 -21.75
N GLN A 155 18.20 5.75 -20.64
CA GLN A 155 18.76 4.91 -19.59
C GLN A 155 17.68 4.17 -18.83
N LEU A 156 16.54 4.82 -18.59
CA LEU A 156 15.43 4.14 -17.94
C LEU A 156 14.94 2.99 -18.80
N ARG A 157 14.83 3.21 -20.11
CA ARG A 157 14.37 2.15 -21.01
C ARG A 157 15.31 0.95 -20.95
N ALA A 158 16.61 1.20 -21.00
CA ALA A 158 17.59 0.12 -20.91
C ALA A 158 17.43 -0.64 -19.60
N TYR A 159 17.24 0.09 -18.50
CA TYR A 159 17.03 -0.56 -17.22
C TYR A 159 15.74 -1.36 -17.22
N LEU A 160 14.63 -0.72 -17.58
CA LEU A 160 13.32 -1.36 -17.47
C LEU A 160 13.21 -2.59 -18.37
N GLU A 161 13.85 -2.56 -19.54
CA GLU A 161 13.83 -3.73 -20.42
C GLU A 161 14.89 -4.76 -20.05
N GLY A 162 15.93 -4.37 -19.32
CA GLY A 162 17.06 -5.22 -19.02
C GLY A 162 16.98 -5.72 -17.58
N GLU A 163 17.59 -4.99 -16.65
CA GLU A 163 17.78 -5.54 -15.31
C GLU A 163 16.46 -5.70 -14.55
N CYS A 164 15.53 -4.75 -14.71
CA CYS A 164 14.25 -4.87 -13.99
C CYS A 164 13.62 -6.24 -14.26
N VAL A 165 13.44 -6.56 -15.54
CA VAL A 165 12.81 -7.82 -15.90
C VAL A 165 13.69 -9.00 -15.49
N GLU A 166 15.00 -8.89 -15.68
CA GLU A 166 15.89 -10.01 -15.38
C GLU A 166 15.95 -10.30 -13.88
N TRP A 167 16.00 -9.26 -13.05
CA TRP A 167 16.07 -9.50 -11.61
C TRP A 167 14.71 -9.87 -11.04
N LEU A 168 13.62 -9.40 -11.63
CA LEU A 168 12.31 -9.85 -11.22
C LEU A 168 12.16 -11.35 -11.46
N ARG A 169 12.61 -11.83 -12.63
CA ARG A 169 12.55 -13.26 -12.91
C ARG A 169 13.39 -14.05 -11.91
N ARG A 170 14.54 -13.52 -11.52
CA ARG A 170 15.37 -14.17 -10.51
C ARG A 170 14.64 -14.23 -9.17
N TYR A 171 14.10 -13.10 -8.72
CA TYR A 171 13.36 -13.08 -7.45
C TYR A 171 12.19 -14.05 -7.49
N LEU A 172 11.49 -14.12 -8.63
CA LEU A 172 10.34 -15.01 -8.74
C LEU A 172 10.76 -16.47 -8.62
N GLU A 173 11.95 -16.82 -9.12
CA GLU A 173 12.44 -18.19 -9.01
C GLU A 173 12.86 -18.50 -7.58
N ASN A 174 13.58 -17.58 -6.94
CA ASN A 174 14.11 -17.84 -5.60
C ASN A 174 13.01 -17.85 -4.55
N GLY A 175 11.96 -17.05 -4.73
CA GLY A 175 10.85 -17.05 -3.78
C GLY A 175 9.61 -17.74 -4.31
N LYS A 176 9.80 -18.73 -5.18
CA LYS A 176 8.65 -19.33 -5.86
C LYS A 176 7.71 -20.04 -4.90
N GLU A 177 8.23 -20.51 -3.77
CA GLU A 177 7.38 -21.12 -2.75
C GLU A 177 6.26 -20.17 -2.32
N THR A 178 6.51 -18.87 -2.33
CA THR A 178 5.52 -17.88 -1.92
C THR A 178 5.08 -16.97 -3.06
N LEU A 179 6.00 -16.46 -3.88
CA LEU A 179 5.62 -15.52 -4.92
C LEU A 179 4.76 -16.19 -6.00
N GLN A 180 4.93 -17.49 -6.20
CA GLN A 180 4.20 -18.21 -7.23
C GLN A 180 3.14 -19.13 -6.64
N ARG A 181 2.65 -18.79 -5.44
CA ARG A 181 1.56 -19.51 -4.80
C ARG A 181 0.43 -18.53 -4.51
N ALA A 182 -0.74 -18.78 -5.08
CA ALA A 182 -1.93 -18.04 -4.73
C ALA A 182 -2.63 -18.74 -3.56
N ASP A 183 -2.99 -17.97 -2.53
CA ASP A 183 -3.75 -18.51 -1.41
C ASP A 183 -5.21 -18.12 -1.57
N PRO A 184 -6.12 -19.08 -1.75
CA PRO A 184 -7.52 -18.73 -1.97
C PRO A 184 -8.15 -18.16 -0.71
N PRO A 185 -9.23 -17.39 -0.84
CA PRO A 185 -9.87 -16.84 0.34
C PRO A 185 -10.74 -17.86 1.06
N LYS A 186 -10.71 -17.82 2.39
CA LYS A 186 -11.72 -18.48 3.20
C LYS A 186 -12.94 -17.58 3.28
N THR A 187 -14.10 -18.09 2.86
CA THR A 187 -15.27 -17.28 2.64
C THR A 187 -16.45 -17.76 3.48
N HIS A 188 -17.23 -16.82 4.00
CA HIS A 188 -18.48 -17.13 4.70
C HIS A 188 -19.35 -15.88 4.75
N VAL A 189 -20.60 -16.08 5.14
CA VAL A 189 -21.62 -15.03 5.18
C VAL A 189 -22.12 -14.91 6.61
N THR A 190 -22.12 -13.69 7.14
CA THR A 190 -22.65 -13.42 8.47
C THR A 190 -23.92 -12.60 8.38
N HIS A 191 -24.68 -12.61 9.47
CA HIS A 191 -26.02 -12.03 9.52
C HIS A 191 -26.11 -11.17 10.77
N HIS A 192 -26.51 -9.90 10.60
CA HIS A 192 -26.52 -8.94 11.70
C HIS A 192 -27.85 -8.17 11.68
N PRO A 193 -28.81 -8.55 12.53
CA PRO A 193 -30.09 -7.85 12.57
C PRO A 193 -29.91 -6.36 12.88
N ILE A 194 -30.60 -5.53 12.11
CA ILE A 194 -30.61 -4.09 12.33
C ILE A 194 -31.85 -3.66 13.08
N SER A 195 -33.02 -4.01 12.56
CA SER A 195 -34.30 -3.74 13.17
C SER A 195 -35.21 -4.92 12.86
N ASP A 196 -36.50 -4.76 13.14
CA ASP A 196 -37.44 -5.83 12.85
C ASP A 196 -37.54 -6.10 11.35
N HIS A 197 -37.27 -5.09 10.53
CA HIS A 197 -37.53 -5.16 9.10
C HIS A 197 -36.27 -5.19 8.25
N GLU A 198 -35.08 -5.16 8.85
CA GLU A 198 -33.85 -5.09 8.08
C GLU A 198 -32.75 -5.83 8.82
N ALA A 199 -31.87 -6.47 8.03
CA ALA A 199 -30.65 -7.07 8.56
C ALA A 199 -29.53 -6.85 7.56
N THR A 200 -28.30 -6.91 8.06
CA THR A 200 -27.11 -6.82 7.23
C THR A 200 -26.60 -8.24 6.92
N LEU A 201 -26.35 -8.51 5.65
CA LEU A 201 -25.60 -9.68 5.24
C LEU A 201 -24.19 -9.23 4.90
N ARG A 202 -23.20 -9.84 5.55
CA ARG A 202 -21.80 -9.51 5.31
C ARG A 202 -21.09 -10.72 4.73
N CYS A 203 -20.49 -10.55 3.56
CA CYS A 203 -19.75 -11.59 2.89
C CYS A 203 -18.25 -11.38 3.15
N TRP A 204 -17.60 -12.38 3.70
CA TRP A 204 -16.21 -12.29 4.14
C TRP A 204 -15.27 -13.03 3.19
N ALA A 205 -14.06 -12.49 3.05
CA ALA A 205 -12.97 -13.18 2.36
C ALA A 205 -11.72 -12.96 3.19
N LEU A 206 -11.14 -14.03 3.72
CA LEU A 206 -10.02 -13.94 4.65
C LEU A 206 -8.83 -14.72 4.14
N GLY A 207 -7.64 -14.30 4.56
CA GLY A 207 -6.41 -15.03 4.31
C GLY A 207 -6.05 -15.32 2.87
N PHE A 208 -6.28 -14.37 1.97
CA PHE A 208 -5.98 -14.61 0.57
C PHE A 208 -4.77 -13.81 0.11
N TYR A 209 -4.11 -14.35 -0.93
CA TYR A 209 -2.94 -13.74 -1.57
C TYR A 209 -3.02 -14.16 -3.03
N PRO A 210 -2.82 -13.23 -3.99
CA PRO A 210 -2.53 -11.80 -3.79
C PRO A 210 -3.77 -10.97 -3.46
N ALA A 211 -3.61 -9.65 -3.42
CA ALA A 211 -4.68 -8.78 -2.91
C ALA A 211 -5.86 -8.67 -3.89
N GLU A 212 -5.62 -8.88 -5.18
CA GLU A 212 -6.69 -8.71 -6.16
C GLU A 212 -7.82 -9.71 -5.93
N ILE A 213 -9.05 -9.21 -5.89
CA ILE A 213 -10.22 -10.03 -5.59
C ILE A 213 -11.45 -9.25 -5.99
N THR A 214 -12.55 -9.95 -6.27
CA THR A 214 -13.84 -9.31 -6.55
C THR A 214 -14.91 -9.94 -5.69
N LEU A 215 -15.66 -9.10 -4.98
CA LEU A 215 -16.78 -9.51 -4.14
C LEU A 215 -18.01 -8.72 -4.58
N THR A 216 -19.07 -9.43 -4.92
CA THR A 216 -20.29 -8.80 -5.40
C THR A 216 -21.49 -9.44 -4.72
N TRP A 217 -22.48 -8.63 -4.38
CA TRP A 217 -23.77 -9.11 -3.93
C TRP A 217 -24.77 -9.02 -5.07
N GLN A 218 -25.51 -10.09 -5.29
CA GLN A 218 -26.60 -10.10 -6.25
C GLN A 218 -27.92 -10.31 -5.52
N ARG A 219 -28.97 -9.67 -6.03
CA ARG A 219 -30.34 -9.89 -5.58
C ARG A 219 -31.18 -10.24 -6.79
N ASP A 220 -31.75 -11.44 -6.80
CA ASP A 220 -32.42 -11.99 -7.98
C ASP A 220 -31.47 -11.98 -9.18
N GLY A 221 -30.20 -12.30 -8.92
CA GLY A 221 -29.21 -12.38 -9.97
C GLY A 221 -28.83 -11.07 -10.61
N GLU A 222 -29.09 -9.93 -9.96
CA GLU A 222 -28.71 -8.63 -10.48
C GLU A 222 -27.84 -7.90 -9.48
N ASP A 223 -26.76 -7.30 -9.96
CA ASP A 223 -25.73 -6.73 -9.10
C ASP A 223 -26.30 -5.59 -8.26
N GLN A 224 -26.00 -5.62 -6.97
CA GLN A 224 -26.45 -4.61 -6.03
C GLN A 224 -25.38 -3.54 -5.82
N THR A 225 -24.85 -3.04 -6.94
CA THR A 225 -23.67 -2.18 -6.91
C THR A 225 -23.91 -0.96 -6.04
N GLN A 226 -24.99 -0.22 -6.29
CA GLN A 226 -25.20 1.05 -5.60
C GLN A 226 -25.53 0.90 -4.13
N ASP A 227 -25.93 -0.29 -3.67
CA ASP A 227 -26.34 -0.48 -2.29
C ASP A 227 -25.43 -1.42 -1.51
N THR A 228 -24.29 -1.81 -2.06
CA THR A 228 -23.34 -2.67 -1.38
C THR A 228 -22.25 -1.83 -0.72
N GLU A 229 -21.98 -2.08 0.55
CA GLU A 229 -20.83 -1.47 1.21
C GLU A 229 -19.62 -2.37 1.04
N LEU A 230 -18.52 -1.81 0.55
CA LEU A 230 -17.33 -2.55 0.17
C LEU A 230 -16.13 -1.90 0.82
N VAL A 231 -15.57 -2.53 1.86
CA VAL A 231 -14.39 -1.96 2.51
C VAL A 231 -13.16 -2.22 1.64
N GLU A 232 -12.18 -1.33 1.79
CA GLU A 232 -10.91 -1.50 1.10
C GLU A 232 -10.25 -2.80 1.54
N THR A 233 -9.65 -3.50 0.57
CA THR A 233 -8.82 -4.65 0.88
C THR A 233 -7.73 -4.24 1.85
N ARG A 234 -7.56 -5.01 2.92
CA ARG A 234 -6.69 -4.62 4.01
C ARG A 234 -5.72 -5.75 4.35
N PRO A 235 -4.52 -5.42 4.82
CA PRO A 235 -3.54 -6.47 5.12
C PRO A 235 -3.79 -7.11 6.48
N ALA A 236 -3.69 -8.44 6.51
CA ALA A 236 -3.87 -9.16 7.78
C ALA A 236 -2.65 -9.02 8.68
N GLY A 237 -1.47 -8.78 8.09
CA GLY A 237 -0.22 -8.70 8.82
C GLY A 237 0.68 -9.89 8.65
N ASP A 238 0.19 -10.97 8.01
CA ASP A 238 0.92 -12.21 7.83
C ASP A 238 1.16 -12.55 6.37
N ARG A 239 1.15 -11.54 5.49
CA ARG A 239 1.28 -11.60 4.02
C ARG A 239 -0.08 -11.64 3.34
N THR A 240 -1.12 -12.14 4.02
CA THR A 240 -2.42 -12.27 3.39
C THR A 240 -3.26 -11.01 3.59
N PHE A 241 -4.42 -11.01 2.94
CA PHE A 241 -5.30 -9.85 2.89
C PHE A 241 -6.72 -10.27 3.26
N GLN A 242 -7.55 -9.27 3.53
CA GLN A 242 -8.94 -9.47 3.94
C GLN A 242 -9.81 -8.46 3.22
N LYS A 243 -11.08 -8.80 3.07
CA LYS A 243 -12.06 -7.91 2.47
C LYS A 243 -13.44 -8.41 2.86
N TRP A 244 -14.40 -7.48 2.95
CA TRP A 244 -15.79 -7.90 3.05
C TRP A 244 -16.69 -6.97 2.25
N ALA A 245 -17.85 -7.51 1.89
CA ALA A 245 -18.91 -6.79 1.20
C ALA A 245 -20.21 -7.00 1.96
N ALA A 246 -20.97 -5.94 2.15
CA ALA A 246 -22.18 -6.02 2.95
C ALA A 246 -23.34 -5.38 2.21
N VAL A 247 -24.53 -5.84 2.56
CA VAL A 247 -25.75 -5.35 1.96
C VAL A 247 -26.86 -5.43 3.01
N VAL A 248 -27.74 -4.43 3.01
CA VAL A 248 -28.86 -4.39 3.93
C VAL A 248 -30.09 -4.94 3.21
N VAL A 249 -30.69 -5.97 3.77
CA VAL A 249 -31.77 -6.69 3.10
C VAL A 249 -33.02 -6.67 3.97
N PRO A 250 -34.21 -6.60 3.37
CA PRO A 250 -35.43 -6.74 4.17
C PRO A 250 -35.49 -8.12 4.79
N SER A 251 -35.87 -8.17 6.07
CA SER A 251 -35.95 -9.45 6.76
C SER A 251 -36.91 -10.38 6.03
N GLY A 252 -36.53 -11.65 5.94
CA GLY A 252 -37.27 -12.61 5.16
C GLY A 252 -36.95 -12.67 3.69
N GLU A 253 -36.07 -11.78 3.21
CA GLU A 253 -35.65 -11.76 1.81
C GLU A 253 -34.26 -12.35 1.61
N GLU A 254 -33.68 -12.96 2.65
CA GLU A 254 -32.24 -13.24 2.65
C GLU A 254 -31.83 -14.14 1.49
N GLN A 255 -32.70 -15.05 1.06
CA GLN A 255 -32.31 -16.02 0.04
C GLN A 255 -32.47 -15.50 -1.37
N ARG A 256 -32.99 -14.27 -1.54
CA ARG A 256 -32.89 -13.61 -2.83
C ARG A 256 -31.47 -13.14 -3.13
N TYR A 257 -30.58 -13.19 -2.15
CA TYR A 257 -29.26 -12.56 -2.22
C TYR A 257 -28.16 -13.61 -2.29
N THR A 258 -27.20 -13.40 -3.20
CA THR A 258 -26.06 -14.29 -3.36
C THR A 258 -24.77 -13.47 -3.37
N CYS A 259 -23.73 -13.99 -2.73
CA CYS A 259 -22.41 -13.38 -2.74
C CYS A 259 -21.50 -14.14 -3.72
N HIS A 260 -20.81 -13.39 -4.57
CA HIS A 260 -19.99 -13.97 -5.63
C HIS A 260 -18.53 -13.59 -5.40
N VAL A 261 -17.66 -14.59 -5.38
CA VAL A 261 -16.25 -14.43 -5.04
C VAL A 261 -15.41 -14.93 -6.20
N GLN A 262 -14.61 -14.05 -6.79
CA GLN A 262 -13.60 -14.42 -7.76
C GLN A 262 -12.23 -14.11 -7.19
N HIS A 263 -11.32 -15.09 -7.25
CA HIS A 263 -9.94 -14.89 -6.86
C HIS A 263 -9.11 -15.84 -7.70
N GLU A 264 -7.94 -15.36 -8.13
CA GLU A 264 -7.08 -16.18 -8.99
C GLU A 264 -6.72 -17.51 -8.34
N GLY A 265 -6.78 -17.62 -7.02
CA GLY A 265 -6.52 -18.86 -6.32
C GLY A 265 -7.69 -19.81 -6.26
N LEU A 266 -8.81 -19.49 -6.91
CA LEU A 266 -10.00 -20.33 -6.91
C LEU A 266 -10.20 -20.94 -8.28
N PRO A 267 -10.36 -22.27 -8.38
CA PRO A 267 -10.67 -22.86 -9.68
C PRO A 267 -11.90 -22.25 -10.35
N LYS A 268 -13.02 -22.18 -9.64
CA LYS A 268 -14.24 -21.57 -10.13
C LYS A 268 -14.62 -20.39 -9.24
N PRO A 269 -15.27 -19.38 -9.81
CA PRO A 269 -15.85 -18.32 -8.96
C PRO A 269 -16.88 -18.91 -8.00
N LEU A 270 -16.73 -18.58 -6.71
CA LEU A 270 -17.62 -19.13 -5.71
C LEU A 270 -18.93 -18.35 -5.64
N THR A 271 -19.96 -19.02 -5.11
CA THR A 271 -21.26 -18.43 -4.86
C THR A 271 -21.66 -18.82 -3.45
N LEU A 272 -21.99 -17.84 -2.61
CA LEU A 272 -22.30 -18.13 -1.22
C LEU A 272 -23.65 -17.54 -0.83
N ARG A 273 -24.33 -18.27 0.05
CA ARG A 273 -25.59 -17.87 0.65
C ARG A 273 -25.42 -17.84 2.16
N TRP A 274 -26.38 -17.23 2.84
CA TRP A 274 -26.49 -17.36 4.29
C TRP A 274 -27.42 -18.51 4.63
N GLU A 275 -27.06 -19.27 5.67
CA GLU A 275 -27.93 -20.31 6.23
C GLU A 275 -27.78 -20.22 7.74
N PRO A 276 -28.88 -20.06 8.48
CA PRO A 276 -28.94 -19.84 9.93
C PRO A 276 -28.06 -20.78 10.75
N MET B 1 -1.94 23.13 -1.90
CA MET B 1 -1.77 21.94 -1.10
C MET B 1 -3.05 21.13 -1.04
N ILE B 2 -3.05 19.95 -1.65
CA ILE B 2 -4.18 19.03 -1.53
C ILE B 2 -4.04 18.25 -0.23
N GLN B 3 -5.17 17.98 0.42
CA GLN B 3 -5.19 17.25 1.68
C GLN B 3 -6.30 16.21 1.61
N ARG B 4 -5.97 14.97 1.96
CA ARG B 4 -6.91 13.87 1.88
C ARG B 4 -6.96 13.17 3.22
N THR B 5 -8.18 12.99 3.73
CA THR B 5 -8.34 12.47 5.08
C THR B 5 -8.22 10.96 5.10
N PRO B 6 -7.65 10.38 6.15
CA PRO B 6 -7.42 8.93 6.15
C PRO B 6 -8.69 8.13 6.35
N LYS B 7 -8.78 7.02 5.62
CA LYS B 7 -9.72 5.97 5.95
C LYS B 7 -9.11 5.06 7.02
N ILE B 8 -9.97 4.49 7.86
CA ILE B 8 -9.52 3.80 9.07
C ILE B 8 -10.30 2.50 9.23
N GLN B 9 -9.58 1.39 9.42
CA GLN B 9 -10.18 0.11 9.75
C GLN B 9 -9.44 -0.49 10.93
N VAL B 10 -10.19 -0.96 11.95
CA VAL B 10 -9.62 -1.65 13.09
CA VAL B 10 -9.63 -1.65 13.10
C VAL B 10 -10.18 -3.07 13.11
N TYR B 11 -9.29 -4.04 13.24
CA TYR B 11 -9.69 -5.43 13.03
C TYR B 11 -8.56 -6.33 13.53
N SER B 12 -8.86 -7.61 13.65
CA SER B 12 -7.89 -8.59 14.12
C SER B 12 -7.34 -9.38 12.93
N ARG B 13 -6.14 -9.94 13.13
CA ARG B 13 -5.55 -10.77 12.09
C ARG B 13 -6.35 -12.04 11.88
N HIS B 14 -6.76 -12.69 12.96
CA HIS B 14 -7.54 -13.92 12.94
C HIS B 14 -8.92 -13.69 13.54
N PRO B 15 -9.89 -14.56 13.27
CA PRO B 15 -11.17 -14.47 13.97
C PRO B 15 -11.00 -14.44 15.47
N ALA B 16 -11.68 -13.49 16.12
CA ALA B 16 -11.49 -13.28 17.55
C ALA B 16 -12.11 -14.42 18.34
N GLU B 17 -11.29 -15.10 19.14
CA GLU B 17 -11.76 -16.06 20.13
C GLU B 17 -11.26 -15.60 21.50
N ASN B 18 -12.20 -15.31 22.39
CA ASN B 18 -11.85 -14.85 23.73
C ASN B 18 -10.89 -15.81 24.42
N GLY B 19 -9.75 -15.28 24.86
CA GLY B 19 -8.76 -16.08 25.55
C GLY B 19 -7.59 -16.53 24.69
N LYS B 20 -7.67 -16.36 23.37
CA LYS B 20 -6.66 -16.85 22.44
C LYS B 20 -5.88 -15.69 21.84
N SER B 21 -4.57 -15.86 21.74
CA SER B 21 -3.69 -14.79 21.27
C SER B 21 -4.00 -14.45 19.82
N ASN B 22 -3.85 -13.16 19.49
CA ASN B 22 -4.23 -12.64 18.20
C ASN B 22 -3.40 -11.38 17.92
N PHE B 23 -3.74 -10.67 16.84
CA PHE B 23 -3.13 -9.38 16.55
C PHE B 23 -4.24 -8.37 16.29
N LEU B 24 -4.10 -7.19 16.88
CA LEU B 24 -5.01 -6.08 16.62
C LEU B 24 -4.37 -5.17 15.58
N ASN B 25 -5.13 -4.83 14.54
CA ASN B 25 -4.63 -4.05 13.41
C ASN B 25 -5.38 -2.73 13.31
N CYS B 26 -4.66 -1.66 13.01
CA CYS B 26 -5.27 -0.42 12.56
C CYS B 26 -4.63 -0.06 11.22
N TYR B 27 -5.44 -0.06 10.16
CA TYR B 27 -4.98 0.22 8.81
C TYR B 27 -5.50 1.60 8.41
N VAL B 28 -4.60 2.56 8.25
CA VAL B 28 -4.94 3.90 7.79
C VAL B 28 -4.47 4.04 6.35
N SER B 29 -5.31 4.59 5.49
CA SER B 29 -5.02 4.61 4.06
C SER B 29 -5.68 5.81 3.42
N GLY B 30 -5.26 6.10 2.19
CA GLY B 30 -5.88 7.14 1.40
C GLY B 30 -5.62 8.55 1.87
N PHE B 31 -4.55 8.79 2.63
CA PHE B 31 -4.34 10.11 3.20
C PHE B 31 -3.13 10.80 2.57
N HIS B 32 -3.12 12.13 2.70
CA HIS B 32 -2.04 13.03 2.32
C HIS B 32 -2.27 14.34 3.07
N PRO B 33 -1.23 14.97 3.62
CA PRO B 33 0.16 14.52 3.60
C PRO B 33 0.43 13.33 4.52
N SER B 34 1.69 12.93 4.60
CA SER B 34 2.06 11.66 5.22
C SER B 34 2.14 11.71 6.74
N ASP B 35 2.28 12.88 7.36
CA ASP B 35 2.29 12.96 8.81
C ASP B 35 0.95 12.53 9.39
N ILE B 36 1.01 11.61 10.35
CA ILE B 36 -0.19 11.04 10.96
C ILE B 36 0.22 10.46 12.31
N GLU B 37 -0.73 10.42 13.24
CA GLU B 37 -0.49 9.81 14.54
C GLU B 37 -1.57 8.78 14.81
N VAL B 38 -1.13 7.57 15.14
CA VAL B 38 -2.02 6.43 15.32
C VAL B 38 -1.71 5.79 16.67
N ASP B 39 -2.72 5.68 17.53
CA ASP B 39 -2.62 4.97 18.79
C ASP B 39 -3.64 3.83 18.81
N LEU B 40 -3.20 2.67 19.30
CA LEU B 40 -4.11 1.58 19.63
C LEU B 40 -4.42 1.66 21.12
N LEU B 41 -5.70 1.55 21.46
CA LEU B 41 -6.18 1.79 22.81
C LEU B 41 -6.75 0.52 23.42
N LYS B 42 -6.44 0.30 24.70
CA LYS B 42 -7.03 -0.77 25.49
C LYS B 42 -7.81 -0.14 26.64
N ASN B 43 -9.14 -0.26 26.59
CA ASN B 43 -10.03 0.30 27.62
C ASN B 43 -9.79 1.79 27.79
N GLY B 44 -9.63 2.50 26.67
CA GLY B 44 -9.42 3.93 26.66
C GLY B 44 -7.97 4.39 26.75
N GLU B 45 -7.04 3.49 27.10
CA GLU B 45 -5.65 3.87 27.36
C GLU B 45 -4.73 3.34 26.27
N ARG B 46 -3.65 4.09 26.03
CA ARG B 46 -2.74 3.81 24.93
C ARG B 46 -1.88 2.59 25.20
N ILE B 47 -1.88 1.65 24.25
CA ILE B 47 -1.02 0.47 24.33
C ILE B 47 0.41 0.88 23.97
N GLU B 48 1.38 0.31 24.68
CA GLU B 48 2.74 0.84 24.66
C GLU B 48 3.57 0.33 23.48
N LYS B 49 3.50 -0.95 23.16
CA LYS B 49 4.37 -1.55 22.15
C LYS B 49 3.53 -1.85 20.90
N VAL B 50 3.44 -0.85 20.03
CA VAL B 50 2.75 -0.96 18.74
C VAL B 50 3.81 -0.81 17.66
N GLU B 51 3.90 -1.80 16.79
CA GLU B 51 4.76 -1.67 15.62
C GLU B 51 3.94 -1.16 14.43
N HIS B 52 4.63 -0.61 13.43
CA HIS B 52 3.96 -0.15 12.22
C HIS B 52 4.81 -0.47 10.99
N SER B 53 4.12 -0.61 9.86
CA SER B 53 4.76 -0.84 8.58
C SER B 53 5.50 0.41 8.12
N ASP B 54 6.34 0.23 7.11
CA ASP B 54 7.07 1.35 6.52
C ASP B 54 6.17 2.10 5.54
N LEU B 55 6.29 3.43 5.54
CA LEU B 55 5.42 4.27 4.72
C LEU B 55 5.49 3.87 3.25
N SER B 56 4.32 3.67 2.66
CA SER B 56 4.19 3.37 1.23
C SER B 56 2.95 4.07 0.72
N PHE B 57 2.69 3.97 -0.58
CA PHE B 57 1.59 4.72 -1.16
C PHE B 57 0.97 3.98 -2.33
N SER B 58 -0.26 4.39 -2.69
CA SER B 58 -1.06 3.74 -3.70
C SER B 58 -0.90 4.43 -5.05
N LYS B 59 -1.63 3.91 -6.04
CA LYS B 59 -1.54 4.41 -7.40
C LYS B 59 -1.86 5.90 -7.50
N ASP B 60 -2.78 6.39 -6.68
CA ASP B 60 -3.14 7.80 -6.65
C ASP B 60 -2.28 8.63 -5.71
N TRP B 61 -1.14 8.08 -5.27
CA TRP B 61 -0.13 8.71 -4.42
C TRP B 61 -0.57 8.88 -2.97
N SER B 62 -1.78 8.47 -2.60
CA SER B 62 -2.18 8.56 -1.20
C SER B 62 -1.46 7.48 -0.39
N PHE B 63 -1.17 7.80 0.86
CA PHE B 63 -0.34 6.95 1.71
C PHE B 63 -1.19 5.93 2.46
N TYR B 64 -0.51 4.86 2.91
CA TYR B 64 -1.15 3.88 3.78
C TYR B 64 -0.13 3.30 4.76
N LEU B 65 -0.62 2.91 5.92
CA LEU B 65 0.20 2.40 7.02
C LEU B 65 -0.60 1.36 7.79
N LEU B 66 0.08 0.34 8.29
CA LEU B 66 -0.53 -0.65 9.17
C LEU B 66 0.13 -0.57 10.55
N TYR B 67 -0.68 -0.23 11.56
CA TYR B 67 -0.27 -0.32 12.96
C TYR B 67 -0.86 -1.59 13.57
N TYR B 68 -0.05 -2.30 14.36
CA TYR B 68 -0.50 -3.60 14.84
C TYR B 68 0.16 -3.92 16.17
N THR B 69 -0.54 -4.71 16.98
CA THR B 69 0.00 -5.19 18.24
C THR B 69 -0.59 -6.55 18.56
N GLU B 70 0.23 -7.38 19.21
CA GLU B 70 -0.26 -8.62 19.78
C GLU B 70 -1.24 -8.33 20.91
N PHE B 71 -2.35 -9.05 20.93
CA PHE B 71 -3.32 -8.92 22.01
C PHE B 71 -4.09 -10.22 22.16
N THR B 72 -4.74 -10.38 23.31
CA THR B 72 -5.61 -11.52 23.58
C THR B 72 -7.00 -11.01 23.92
N PRO B 73 -7.95 -11.06 23.00
CA PRO B 73 -9.27 -10.47 23.26
C PRO B 73 -10.02 -11.23 24.33
N THR B 74 -10.90 -10.49 25.02
CA THR B 74 -11.79 -11.05 26.02
C THR B 74 -13.17 -10.46 25.80
N GLU B 75 -14.14 -10.86 26.64
CA GLU B 75 -15.49 -10.35 26.46
C GLU B 75 -15.62 -8.92 26.94
N LYS B 76 -14.90 -8.53 27.99
CA LYS B 76 -15.10 -7.22 28.59
C LYS B 76 -14.16 -6.15 28.06
N ASP B 77 -12.93 -6.50 27.69
CA ASP B 77 -11.98 -5.50 27.23
C ASP B 77 -12.44 -4.86 25.92
N GLU B 78 -12.34 -3.54 25.85
CA GLU B 78 -12.66 -2.78 24.65
C GLU B 78 -11.37 -2.29 24.00
N TYR B 79 -11.32 -2.33 22.67
CA TYR B 79 -10.16 -1.90 21.93
C TYR B 79 -10.57 -0.89 20.88
N ALA B 80 -9.63 -0.01 20.53
CA ALA B 80 -9.94 1.09 19.61
C ALA B 80 -8.65 1.57 18.97
N CYS B 81 -8.82 2.28 17.85
CA CYS B 81 -7.74 3.00 17.18
C CYS B 81 -8.02 4.50 17.26
N ARG B 82 -6.98 5.28 17.58
CA ARG B 82 -7.10 6.73 17.63
C ARG B 82 -6.16 7.35 16.61
N VAL B 83 -6.71 8.16 15.72
CA VAL B 83 -5.98 8.72 14.59
C VAL B 83 -6.07 10.24 14.65
N ASN B 84 -4.95 10.92 14.42
CA ASN B 84 -4.92 12.36 14.24
C ASN B 84 -4.19 12.71 12.95
N HIS B 85 -4.74 13.68 12.22
CA HIS B 85 -4.25 14.09 10.92
C HIS B 85 -4.59 15.57 10.75
N VAL B 86 -3.80 16.25 9.91
CA VAL B 86 -4.04 17.68 9.69
C VAL B 86 -5.45 17.94 9.16
N THR B 87 -6.06 16.95 8.51
CA THR B 87 -7.41 17.09 7.99
C THR B 87 -8.49 17.03 9.06
N LEU B 88 -8.17 16.59 10.28
CA LEU B 88 -9.15 16.34 11.31
C LEU B 88 -9.09 17.42 12.39
N SER B 89 -10.24 18.02 12.69
CA SER B 89 -10.30 19.02 13.76
C SER B 89 -10.07 18.40 15.12
N GLN B 90 -10.31 17.10 15.28
CA GLN B 90 -10.09 16.41 16.54
C GLN B 90 -9.71 14.97 16.23
N PRO B 91 -8.94 14.32 17.10
CA PRO B 91 -8.59 12.92 16.86
C PRO B 91 -9.84 12.06 16.69
N LYS B 92 -9.85 11.25 15.63
CA LYS B 92 -10.96 10.33 15.40
C LYS B 92 -10.66 9.01 16.09
N ILE B 93 -11.67 8.48 16.79
CA ILE B 93 -11.57 7.20 17.49
C ILE B 93 -12.49 6.22 16.78
N VAL B 94 -11.97 5.04 16.44
CA VAL B 94 -12.75 3.99 15.83
C VAL B 94 -12.66 2.77 16.72
N LYS B 95 -13.81 2.27 17.17
CA LYS B 95 -13.84 1.15 18.10
C LYS B 95 -13.64 -0.16 17.35
N TRP B 96 -13.05 -1.15 18.03
CA TRP B 96 -12.90 -2.47 17.44
C TRP B 96 -14.22 -3.23 17.57
N ASP B 97 -14.69 -3.76 16.45
CA ASP B 97 -15.93 -4.53 16.37
C ASP B 97 -15.58 -5.85 15.70
N ARG B 98 -15.59 -6.94 16.47
CA ARG B 98 -15.13 -8.23 15.95
C ARG B 98 -15.94 -8.73 14.76
N ASP B 99 -17.05 -8.07 14.41
CA ASP B 99 -17.84 -8.42 13.24
C ASP B 99 -17.61 -7.47 12.07
N MET B 100 -16.49 -6.75 12.05
CA MET B 100 -16.19 -5.84 10.95
C MET B 100 -14.69 -5.80 10.60
N LYS C 1 16.24 -5.38 -7.86
CA LYS C 1 17.49 -4.68 -8.18
C LYS C 1 17.20 -3.24 -8.60
N ARG C 2 17.75 -2.27 -7.88
CA ARG C 2 17.37 -0.88 -8.07
C ARG C 2 18.10 -0.26 -9.26
N TRP C 3 17.49 0.81 -9.77
CA TRP C 3 18.08 1.62 -10.82
C TRP C 3 18.78 2.82 -10.21
N ILE C 4 19.85 3.26 -10.87
CA ILE C 4 20.44 4.57 -10.61
C ILE C 4 21.03 5.04 -11.93
N ILE C 5 21.03 6.36 -12.14
CA ILE C 5 21.63 6.90 -13.35
C ILE C 5 23.13 6.63 -13.31
N LEU C 6 23.63 6.03 -14.38
CA LEU C 6 25.05 5.63 -14.45
C LEU C 6 25.87 6.63 -15.27
N ILE C 11 24.30 13.86 -13.02
CA ILE C 11 23.25 13.16 -12.30
C ILE C 11 21.90 13.74 -12.70
N VAL C 12 20.84 12.94 -12.58
CA VAL C 12 19.50 13.38 -12.91
C VAL C 12 18.98 14.28 -11.80
N ARG C 13 18.71 15.54 -12.13
CA ARG C 13 18.12 16.49 -11.21
C ARG C 13 16.83 17.03 -11.81
N MET C 14 15.85 17.29 -10.96
CA MET C 14 14.63 17.93 -11.42
C MET C 14 14.94 19.38 -11.81
#